data_3CPO
#
_entry.id   3CPO
#
_cell.length_a   35.347
_cell.length_b   95.013
_cell.length_c   72.376
_cell.angle_alpha   90.000
_cell.angle_beta   90.000
_cell.angle_gamma   90.000
#
_symmetry.space_group_name_H-M   'C 2 2 21'
#
loop_
_entity.id
_entity.type
_entity.pdbx_description
1 polymer 'Delta(5)-3-ketosteroid isomerase'
2 non-polymer 2-fluorophenol
3 water water
#
_entity_poly.entity_id   1
_entity_poly.type   'polypeptide(L)'
_entity_poly.pdbx_seq_one_letter_code
;MNLPTAQEVQGLMARYIELVDVGDIEAIVQMYADDATVENPFGQPPIHGREQIAAFYRQGLGGGKVRACLTGPVRASHNG
CGAMPFRVEMVWNGQPCALDVIDVMRFDEHGRIQTMQAYWSEVNLSVREPQ
;
_entity_poly.pdbx_strand_id   A
#
loop_
_chem_comp.id
_chem_comp.type
_chem_comp.name
_chem_comp.formula
FP2 non-polymer 2-fluorophenol 'C6 H5 F O'
#
# COMPACT_ATOMS: atom_id res chain seq x y z
N LEU A 3 -3.05 19.01 -3.22
CA LEU A 3 -3.92 17.76 -3.40
C LEU A 3 -3.75 17.22 -4.81
N PRO A 4 -3.29 15.96 -4.92
CA PRO A 4 -2.81 15.57 -6.20
C PRO A 4 -3.97 15.50 -7.22
N THR A 5 -3.68 15.96 -8.41
CA THR A 5 -4.57 15.71 -9.55
C THR A 5 -4.61 14.23 -9.92
N ALA A 6 -5.49 13.89 -10.83
CA ALA A 6 -5.62 12.49 -11.22
C ALA A 6 -4.29 11.95 -11.70
N GLN A 7 -3.60 12.73 -12.57
CA GLN A 7 -2.29 12.27 -13.06
C GLN A 7 -1.32 12.12 -11.91
N GLU A 8 -1.32 13.08 -11.00
CA GLU A 8 -0.42 12.96 -9.86
C GLU A 8 -0.71 11.76 -8.94
N VAL A 9 -1.99 11.44 -8.76
CA VAL A 9 -2.36 10.20 -8.04
C VAL A 9 -1.79 8.98 -8.74
N GLN A 10 -1.92 8.91 -10.05
CA GLN A 10 -1.33 7.79 -10.80
C GLN A 10 0.16 7.67 -10.48
N GLY A 11 0.87 8.81 -10.51
CA GLY A 11 2.31 8.74 -10.23
C GLY A 11 2.58 8.34 -8.79
N LEU A 12 1.83 8.89 -7.83
CA LEU A 12 2.10 8.58 -6.41
C LEU A 12 1.81 7.12 -6.11
N MET A 13 0.73 6.58 -6.65
CA MET A 13 0.38 5.20 -6.33
C MET A 13 1.35 4.23 -7.02
N ALA A 14 1.82 4.56 -8.24
CA ALA A 14 2.85 3.73 -8.87
C ALA A 14 4.18 3.77 -8.07
N ARG A 15 4.53 4.96 -7.56
CA ARG A 15 5.76 5.00 -6.79
CA ARG A 15 5.68 5.19 -6.67
C ARG A 15 5.62 4.24 -5.49
N TYR A 16 4.44 4.24 -4.85
CA TYR A 16 4.24 3.39 -3.68
C TYR A 16 4.56 1.93 -4.00
N ILE A 17 4.07 1.42 -5.16
CA ILE A 17 4.39 0.02 -5.48
C ILE A 17 5.88 -0.19 -5.71
N GLU A 18 6.53 0.77 -6.40
CA GLU A 18 8.00 0.64 -6.55
CA GLU A 18 8.00 0.85 -6.56
C GLU A 18 8.72 0.64 -5.20
N LEU A 19 8.23 1.41 -4.21
CA LEU A 19 8.88 1.38 -2.90
C LEU A 19 8.62 0.10 -2.14
N VAL A 20 7.41 -0.47 -2.27
CA VAL A 20 7.13 -1.78 -1.66
C VAL A 20 8.03 -2.81 -2.33
N ASP A 21 8.16 -2.78 -3.67
CA ASP A 21 8.95 -3.72 -4.38
C ASP A 21 10.40 -3.70 -3.96
N VAL A 22 10.97 -2.54 -3.72
CA VAL A 22 12.38 -2.59 -3.31
C VAL A 22 12.44 -2.78 -1.82
N GLY A 23 11.41 -2.43 -1.06
CA GLY A 23 11.43 -2.71 0.38
C GLY A 23 12.05 -1.59 1.14
N ASP A 24 11.89 -0.36 0.64
CA ASP A 24 12.36 0.75 1.40
C ASP A 24 11.39 1.31 2.40
N ILE A 25 11.49 0.74 3.59
CA ILE A 25 10.53 1.01 4.65
CA ILE A 25 10.51 1.03 4.61
C ILE A 25 10.44 2.51 4.92
N GLU A 26 11.57 3.18 5.07
CA GLU A 26 11.53 4.57 5.46
C GLU A 26 10.94 5.45 4.36
N ALA A 27 11.16 5.10 3.11
CA ALA A 27 10.60 5.87 1.99
C ALA A 27 9.07 5.62 1.92
N ILE A 28 8.64 4.40 2.22
CA ILE A 28 7.21 4.09 2.24
C ILE A 28 6.53 4.89 3.31
N VAL A 29 7.10 4.87 4.50
CA VAL A 29 6.51 5.60 5.61
C VAL A 29 6.40 7.11 5.38
N GLN A 30 7.38 7.66 4.72
CA GLN A 30 7.36 9.07 4.38
C GLN A 30 6.24 9.44 3.40
N MET A 31 5.72 8.47 2.63
CA MET A 31 4.58 8.76 1.76
C MET A 31 3.30 9.00 2.52
N TYR A 32 3.22 8.51 3.76
CA TYR A 32 2.01 8.63 4.54
C TYR A 32 1.96 9.91 5.32
N ALA A 33 0.75 10.45 5.56
CA ALA A 33 0.61 11.57 6.46
C ALA A 33 1.05 11.10 7.84
N ASP A 34 1.53 12.04 8.67
CA ASP A 34 2.09 11.61 9.97
C ASP A 34 1.08 10.87 10.85
N ASP A 35 -0.23 11.16 10.68
CA ASP A 35 -1.35 10.57 11.46
C ASP A 35 -2.24 9.69 10.52
N ALA A 36 -1.68 9.10 9.44
CA ALA A 36 -2.47 8.33 8.47
C ALA A 36 -3.08 7.08 9.11
N THR A 37 -4.07 6.50 8.46
CA THR A 37 -4.45 5.14 8.85
C THR A 37 -4.27 4.12 7.76
N VAL A 38 -4.04 2.88 8.15
CA VAL A 38 -3.92 1.73 7.23
C VAL A 38 -4.86 0.65 7.68
N GLU A 39 -5.68 0.15 6.78
CA GLU A 39 -6.54 -1.01 7.00
C GLU A 39 -6.08 -2.07 6.04
N ASN A 40 -5.41 -3.11 6.53
CA ASN A 40 -4.76 -4.11 5.67
C ASN A 40 -4.74 -5.43 6.44
N PRO A 41 -5.62 -6.39 6.11
CA PRO A 41 -6.62 -6.28 5.04
C PRO A 41 -7.80 -5.44 5.48
N PHE A 42 -8.47 -4.83 4.51
CA PHE A 42 -9.71 -4.11 4.81
C PHE A 42 -10.69 -5.05 5.51
N GLY A 43 -11.26 -4.58 6.59
CA GLY A 43 -12.08 -5.38 7.48
C GLY A 43 -11.45 -5.54 8.85
N GLN A 44 -10.14 -5.34 8.94
CA GLN A 44 -9.46 -5.38 10.20
C GLN A 44 -9.31 -3.97 10.76
N PRO A 45 -9.07 -3.84 12.08
CA PRO A 45 -8.99 -2.51 12.66
C PRO A 45 -7.86 -1.65 12.09
N PRO A 46 -8.10 -0.33 11.94
CA PRO A 46 -7.02 0.51 11.42
C PRO A 46 -5.83 0.58 12.33
N ILE A 47 -4.70 0.78 11.73
CA ILE A 47 -3.53 1.18 12.45
C ILE A 47 -3.27 2.64 12.19
N HIS A 48 -2.77 3.36 13.18
CA HIS A 48 -2.76 4.84 13.22
CA HIS A 48 -2.76 4.78 13.09
C HIS A 48 -1.35 5.37 13.36
N GLY A 49 -0.94 6.24 12.46
CA GLY A 49 0.27 7.02 12.60
C GLY A 49 1.53 6.37 12.07
N ARG A 50 2.51 7.20 11.79
CA ARG A 50 3.73 6.66 11.16
C ARG A 50 4.46 5.60 11.95
N GLU A 51 4.54 5.73 13.30
CA GLU A 51 5.27 4.67 14.00
CA GLU A 51 5.21 4.67 14.08
C GLU A 51 4.59 3.29 13.82
N GLN A 52 3.28 3.21 13.98
CA GLN A 52 2.51 1.96 13.83
CA GLN A 52 2.66 1.90 13.84
C GLN A 52 2.66 1.47 12.37
N ILE A 53 2.56 2.41 11.46
CA ILE A 53 2.66 2.03 10.02
C ILE A 53 4.06 1.51 9.70
N ALA A 54 5.13 2.15 10.22
CA ALA A 54 6.47 1.61 10.02
C ALA A 54 6.59 0.19 10.56
N ALA A 55 6.02 -0.05 11.74
CA ALA A 55 6.12 -1.37 12.35
C ALA A 55 5.41 -2.39 11.45
N PHE A 56 4.27 -2.02 10.90
CA PHE A 56 3.55 -2.89 9.98
C PHE A 56 4.37 -3.25 8.75
N TYR A 57 5.01 -2.25 8.08
CA TYR A 57 5.79 -2.57 6.93
C TYR A 57 7.04 -3.34 7.28
N ARG A 58 7.66 -3.06 8.42
CA ARG A 58 8.88 -3.78 8.76
CA ARG A 58 8.86 -3.81 8.82
C ARG A 58 8.54 -5.27 8.97
N GLN A 59 7.42 -5.57 9.64
CA GLN A 59 6.97 -6.97 9.89
C GLN A 59 6.64 -7.64 8.57
N GLY A 60 6.02 -6.89 7.66
CA GLY A 60 5.54 -7.44 6.40
C GLY A 60 6.59 -7.56 5.31
N LEU A 61 7.56 -6.65 5.30
CA LEU A 61 8.67 -6.58 4.34
C LEU A 61 10.06 -6.68 5.00
N LYS A 65 12.78 -11.48 0.83
CA LYS A 65 12.69 -10.96 -0.53
C LYS A 65 11.21 -10.84 -0.90
N VAL A 66 10.82 -9.67 -1.34
CA VAL A 66 9.42 -9.37 -1.69
C VAL A 66 9.49 -8.70 -3.05
N ARG A 67 8.56 -9.03 -3.93
CA ARG A 67 8.45 -8.36 -5.21
C ARG A 67 7.00 -7.81 -5.21
N ALA A 68 6.80 -6.69 -5.87
CA ALA A 68 5.40 -6.17 -5.97
C ALA A 68 5.34 -5.55 -7.31
N CYS A 69 4.26 -5.82 -8.03
CA CYS A 69 4.11 -5.11 -9.26
CA CYS A 69 4.11 -5.31 -9.38
C CYS A 69 2.67 -4.86 -9.56
N LEU A 70 2.45 -3.76 -10.23
CA LEU A 70 1.08 -3.47 -10.71
C LEU A 70 0.63 -4.52 -11.67
N THR A 71 -0.61 -4.94 -11.62
CA THR A 71 -1.16 -5.90 -12.58
C THR A 71 -2.26 -5.26 -13.40
N GLY A 72 -2.35 -3.92 -13.34
CA GLY A 72 -3.19 -3.15 -14.24
C GLY A 72 -2.98 -1.69 -13.88
N PRO A 73 -3.60 -0.79 -14.62
CA PRO A 73 -3.41 0.64 -14.39
C PRO A 73 -3.95 1.13 -13.09
N VAL A 74 -3.37 2.21 -12.58
CA VAL A 74 -3.98 2.96 -11.50
C VAL A 74 -5.24 3.61 -12.02
N ARG A 75 -6.32 3.53 -11.22
CA ARG A 75 -7.57 4.24 -11.49
C ARG A 75 -7.63 5.40 -10.52
N ALA A 76 -7.52 6.64 -11.04
CA ALA A 76 -7.47 7.82 -10.20
C ALA A 76 -8.78 8.57 -10.27
N SER A 77 -9.12 9.34 -9.24
CA SER A 77 -10.26 10.27 -9.26
C SER A 77 -9.77 11.70 -9.33
N HIS A 78 -10.71 12.64 -9.41
CA HIS A 78 -10.45 14.11 -9.33
C HIS A 78 -10.66 14.64 -7.91
N ASN A 79 -10.70 13.77 -6.94
CA ASN A 79 -10.74 14.25 -5.55
C ASN A 79 -9.64 13.63 -4.70
N GLY A 80 -8.46 13.45 -5.28
CA GLY A 80 -7.27 13.02 -4.53
C GLY A 80 -7.30 11.56 -4.11
N CYS A 81 -8.06 10.70 -4.80
CA CYS A 81 -8.13 9.29 -4.42
C CYS A 81 -7.81 8.43 -5.61
N GLY A 82 -7.51 7.18 -5.35
CA GLY A 82 -7.30 6.23 -6.42
C GLY A 82 -7.34 4.81 -5.94
N ALA A 83 -7.30 3.91 -6.90
CA ALA A 83 -7.33 2.47 -6.61
C ALA A 83 -6.43 1.75 -7.59
N MET A 84 -5.77 0.69 -7.14
CA MET A 84 -4.89 0.00 -8.07
C MET A 84 -4.82 -1.47 -7.77
N PRO A 85 -4.69 -2.33 -8.79
CA PRO A 85 -4.49 -3.76 -8.56
C PRO A 85 -3.02 -4.17 -8.67
N PHE A 86 -2.57 -5.05 -7.77
CA PHE A 86 -1.19 -5.44 -7.83
C PHE A 86 -1.07 -6.79 -7.22
N ARG A 87 0.12 -7.36 -7.41
CA ARG A 87 0.47 -8.70 -6.92
C ARG A 87 1.73 -8.58 -6.07
N VAL A 88 1.73 -9.22 -4.90
CA VAL A 88 2.91 -9.20 -4.01
C VAL A 88 3.42 -10.64 -3.98
N GLU A 89 4.71 -10.85 -4.26
CA GLU A 89 5.27 -12.19 -4.15
C GLU A 89 6.19 -12.23 -2.94
N MET A 90 6.02 -13.26 -2.11
CA MET A 90 6.85 -13.36 -0.93
C MET A 90 7.16 -14.80 -0.66
N VAL A 91 7.93 -15.03 0.39
CA VAL A 91 8.38 -16.37 0.70
C VAL A 91 7.80 -16.64 2.07
N TRP A 92 6.99 -17.68 2.16
CA TRP A 92 6.31 -17.99 3.39
C TRP A 92 6.67 -19.44 3.75
N ASN A 93 7.11 -19.63 4.99
CA ASN A 93 7.63 -20.91 5.38
C ASN A 93 8.35 -21.54 4.18
N GLY A 94 9.40 -20.85 3.73
CA GLY A 94 10.24 -21.33 2.64
C GLY A 94 9.46 -21.61 1.39
N GLN A 95 8.14 -21.42 1.49
CA GLN A 95 7.21 -21.57 0.38
C GLN A 95 6.85 -20.20 -0.18
N PRO A 96 7.32 -19.92 -1.39
CA PRO A 96 6.98 -18.72 -2.13
C PRO A 96 5.49 -18.71 -2.29
N CYS A 97 4.91 -17.53 -2.21
CA CYS A 97 3.49 -17.44 -2.50
CA CYS A 97 3.48 -17.36 -2.33
C CYS A 97 3.24 -16.09 -3.12
N ALA A 98 2.03 -15.91 -3.63
CA ALA A 98 1.70 -14.61 -4.25
C ALA A 98 0.38 -14.18 -3.66
N LEU A 99 0.19 -12.88 -3.50
CA LEU A 99 -1.09 -12.33 -2.98
C LEU A 99 -1.56 -11.24 -3.94
N ASP A 100 -2.77 -11.39 -4.47
CA ASP A 100 -3.39 -10.34 -5.30
C ASP A 100 -4.15 -9.33 -4.40
N VAL A 101 -3.92 -8.03 -4.64
CA VAL A 101 -4.45 -7.02 -3.73
C VAL A 101 -4.98 -5.86 -4.55
N ILE A 102 -6.00 -5.18 -4.01
CA ILE A 102 -6.33 -3.82 -4.55
C ILE A 102 -6.18 -2.83 -3.38
N ASP A 103 -5.36 -1.80 -3.60
CA ASP A 103 -5.29 -0.74 -2.60
C ASP A 103 -6.09 0.42 -3.10
N VAL A 104 -6.86 0.94 -2.14
CA VAL A 104 -7.62 2.21 -2.32
C VAL A 104 -6.99 3.23 -1.41
N MET A 105 -6.57 4.39 -1.97
CA MET A 105 -5.90 5.47 -1.20
CA MET A 105 -5.86 5.38 -1.21
C MET A 105 -6.58 6.76 -1.33
N ARG A 106 -6.56 7.54 -0.25
CA ARG A 106 -7.00 8.93 -0.25
C ARG A 106 -5.78 9.74 0.15
N PHE A 107 -5.41 10.71 -0.67
CA PHE A 107 -4.29 11.60 -0.37
C PHE A 107 -4.80 12.92 0.22
N ASP A 108 -3.95 13.58 0.99
CA ASP A 108 -4.34 14.83 1.65
C ASP A 108 -3.85 15.93 0.78
N GLU A 109 -4.11 17.12 1.33
CA GLU A 109 -3.87 18.37 0.68
CA GLU A 109 -3.86 18.33 0.58
C GLU A 109 -2.38 18.67 0.47
N HIS A 110 -1.51 17.82 1.05
CA HIS A 110 -0.06 17.90 0.82
C HIS A 110 0.49 16.77 0.00
N GLY A 111 -0.38 15.95 -0.54
CA GLY A 111 0.14 14.87 -1.34
C GLY A 111 0.57 13.62 -0.56
N ARG A 112 0.19 13.50 0.68
CA ARG A 112 0.56 12.36 1.57
CA ARG A 112 0.61 12.30 1.40
C ARG A 112 -0.60 11.42 1.64
N ILE A 113 -0.37 10.13 1.84
CA ILE A 113 -1.48 9.16 1.95
C ILE A 113 -2.16 9.41 3.31
N GLN A 114 -3.42 9.80 3.33
CA GLN A 114 -4.18 9.91 4.52
C GLN A 114 -4.86 8.64 4.98
N THR A 115 -5.40 7.87 4.02
CA THR A 115 -5.99 6.57 4.34
C THR A 115 -5.60 5.58 3.27
N MET A 116 -5.28 4.36 3.72
CA MET A 116 -4.91 3.19 2.89
CA MET A 116 -5.21 3.32 2.74
CA MET A 116 -4.96 3.22 2.83
C MET A 116 -5.96 2.10 3.22
N GLN A 117 -6.64 1.49 2.26
CA GLN A 117 -7.44 0.31 2.52
CA GLN A 117 -7.53 0.34 2.47
C GLN A 117 -7.00 -0.73 1.51
N ALA A 118 -6.48 -1.85 2.00
CA ALA A 118 -5.96 -2.93 1.16
C ALA A 118 -6.96 -4.07 1.11
N TYR A 119 -7.60 -4.23 -0.02
CA TYR A 119 -8.60 -5.30 -0.17
C TYR A 119 -7.97 -6.60 -0.60
N TRP A 120 -8.15 -7.65 0.21
CA TRP A 120 -7.70 -8.99 -0.12
C TRP A 120 -8.17 -9.91 1.00
N SER A 121 -8.26 -11.19 0.69
CA SER A 121 -8.46 -12.19 1.72
C SER A 121 -7.72 -13.41 1.33
N GLU A 122 -7.86 -14.48 2.13
CA GLU A 122 -7.11 -15.72 1.89
CA GLU A 122 -7.06 -15.66 1.90
C GLU A 122 -7.35 -16.30 0.53
N VAL A 123 -8.55 -16.06 -0.02
CA VAL A 123 -8.93 -16.42 -1.39
C VAL A 123 -8.01 -15.80 -2.45
N ASN A 124 -7.24 -14.76 -2.10
CA ASN A 124 -6.32 -14.09 -3.05
C ASN A 124 -4.89 -14.51 -2.86
N LEU A 125 -4.64 -15.50 -2.01
CA LEU A 125 -3.26 -16.00 -1.78
C LEU A 125 -3.08 -17.26 -2.62
N SER A 126 -1.91 -17.42 -3.19
CA SER A 126 -1.52 -18.61 -4.01
CA SER A 126 -1.58 -18.68 -3.88
C SER A 126 -0.21 -19.15 -3.47
N VAL A 127 -0.15 -20.40 -2.98
CA VAL A 127 1.10 -20.96 -2.48
C VAL A 127 1.65 -21.87 -3.59
C1 FP2 B . 0.02 -3.39 0.48
C2 FP2 B . 1.31 -3.92 0.55
C3 FP2 B . 1.55 -5.27 0.79
C4 FP2 B . 0.46 -6.16 0.89
C5 FP2 B . -0.82 -5.63 0.76
C6 FP2 B . -1.03 -4.28 0.58
F FP2 B . 2.33 -3.10 0.47
O FP2 B . -0.32 -2.08 0.28
#